data_2L5K
#
_entry.id   2L5K
#
_cell.length_a   1.000
_cell.length_b   1.000
_cell.length_c   1.000
_cell.angle_alpha   90.00
_cell.angle_beta   90.00
_cell.angle_gamma   90.00
#
_symmetry.space_group_name_H-M   'P 1'
#
_entity_poly.entity_id   1
_entity_poly.type   'polydeoxyribonucleotide'
_entity_poly.pdbx_seq_one_letter_code
;(N68)(DG)(DC)(DA)(DG)(DT)(DT)(DG)(DA)(DT)(DC)(DC)(DT)(DT)(DT)(DG)(DG)(DA)(DT)
(DA)(DC)(DC)(DC)(DT)(DG)(DG)(DT)
;
_entity_poly.pdbx_strand_id   A
#